data_7MHD
#
_entry.id   7MHD
#
_cell.length_a   53.886
_cell.length_b   61.486
_cell.length_c   77.450
_cell.angle_alpha   90.000
_cell.angle_beta   90.000
_cell.angle_gamma   90.000
#
_symmetry.space_group_name_H-M   'P 21 21 21'
#
loop_
_entity.id
_entity.type
_entity.pdbx_description
1 polymer 'Fatty acid synthase'
2 non-polymer N,N-diethyl-4-{2-[(2-fluorophenyl)methyl]-1,3-thiazol-4-yl}benzene-1-sulfonamide
3 water water
#
_entity_poly.entity_id   1
_entity_poly.type   'polypeptide(L)'
_entity_poly.pdbx_seq_one_letter_code
;GSGGGGGSTQLNLRSLLVNPEGPTLMRLNSVQSSERPLFLVHPIEGSTTVFHSLASRLSIPTYGLQCTRAAPLDSIHSLA
AYYIDCIRQVQPEGPYRVAGYSYGACVAFEMCSQLQAQQSPAPTHNSLFLFDGSPTYVLAYTQSYRAKLTPGCEAEAETE
AICFFVQQFTDMEHNRVLEALLPLKGLEERVAAAVDLIIKSHQGLDRQELSFAARSFYYKLRAAEQYTPKAKYHGNVMLL
RAKTGGAYGEDLGADYNLSQVCDGKVSVHVIEGDHRTLLEGSGLESIISIIHSSLAEH
;
_entity_poly.pdbx_strand_id   A
#
loop_
_chem_comp.id
_chem_comp.type
_chem_comp.name
_chem_comp.formula
ZEP non-polymer N,N-diethyl-4-{2-[(2-fluorophenyl)methyl]-1,3-thiazol-4-yl}benzene-1-sulfonamide 'C20 H21 F N2 O2 S2'
#
# COMPACT_ATOMS: atom_id res chain seq x y z
N GLN A 10 6.00 -18.66 3.08
CA GLN A 10 5.85 -18.20 4.50
C GLN A 10 4.46 -18.62 5.01
N LEU A 11 4.10 -18.16 6.21
CA LEU A 11 2.89 -18.59 6.98
C LEU A 11 1.92 -17.42 7.12
N ASN A 12 0.74 -17.68 7.70
CA ASN A 12 -0.40 -16.73 7.74
C ASN A 12 -0.58 -16.18 6.32
N LEU A 13 -0.98 -17.05 5.40
CA LEU A 13 -1.24 -16.65 4.00
C LEU A 13 -2.49 -15.76 3.96
N ARG A 14 -3.38 -15.86 4.97
CA ARG A 14 -4.59 -14.99 5.08
C ARG A 14 -4.22 -13.51 5.22
N SER A 15 -2.95 -13.19 5.52
CA SER A 15 -2.37 -11.81 5.55
C SER A 15 -2.07 -11.30 4.14
N LEU A 16 -1.96 -12.20 3.18
CA LEU A 16 -1.76 -11.88 1.74
C LEU A 16 -3.13 -11.78 1.06
N LEU A 17 -4.22 -12.12 1.78
CA LEU A 17 -5.57 -12.14 1.18
C LEU A 17 -6.47 -11.17 1.93
N VAL A 18 -7.33 -10.49 1.20
CA VAL A 18 -8.37 -9.64 1.81
C VAL A 18 -9.69 -10.38 1.56
N ASN A 19 -10.62 -10.32 2.51
CA ASN A 19 -12.06 -10.63 2.26
C ASN A 19 -12.57 -9.63 1.23
N PRO A 20 -12.84 -10.05 -0.03
CA PRO A 20 -13.33 -9.10 -1.05
C PRO A 20 -14.67 -8.42 -0.70
N GLU A 21 -15.47 -9.01 0.20
CA GLU A 21 -16.78 -8.47 0.69
C GLU A 21 -16.58 -7.84 2.08
N GLY A 22 -15.33 -7.65 2.49
CA GLY A 22 -14.99 -6.98 3.75
C GLY A 22 -15.31 -5.50 3.71
N PRO A 23 -15.23 -4.82 4.88
CA PRO A 23 -15.42 -3.39 4.92
C PRO A 23 -14.08 -2.76 4.48
N THR A 24 -14.15 -1.58 3.86
CA THR A 24 -12.95 -0.82 3.45
C THR A 24 -12.25 -0.30 4.71
N LEU A 25 -13.03 0.24 5.65
CA LEU A 25 -12.52 0.87 6.91
C LEU A 25 -12.77 -0.11 8.06
N MET A 26 -11.75 -0.35 8.89
CA MET A 26 -11.83 -1.36 9.97
C MET A 26 -11.13 -0.81 11.22
N ARG A 27 -11.77 -0.86 12.39
CA ARG A 27 -11.07 -0.58 13.66
C ARG A 27 -9.91 -1.54 13.81
N LEU A 28 -8.78 -1.06 14.30
CA LEU A 28 -7.60 -1.93 14.57
C LEU A 28 -7.22 -1.82 16.04
N ASN A 29 -7.89 -0.97 16.85
CA ASN A 29 -7.71 -0.98 18.33
C ASN A 29 -9.00 -0.53 19.02
N SER A 30 -9.05 -0.64 20.36
CA SER A 30 -10.28 -0.45 21.17
C SER A 30 -10.20 0.88 21.91
N VAL A 31 -9.29 1.76 21.51
CA VAL A 31 -9.15 3.08 22.19
C VAL A 31 -10.44 3.84 21.94
N GLN A 32 -11.18 4.18 23.00
CA GLN A 32 -12.42 4.98 22.92
C GLN A 32 -12.11 6.34 23.55
N SER A 33 -11.98 7.37 22.72
CA SER A 33 -11.67 8.75 23.13
C SER A 33 -12.06 9.71 22.00
N SER A 34 -12.05 11.01 22.28
CA SER A 34 -12.38 12.07 21.30
C SER A 34 -11.13 12.46 20.50
N GLU A 35 -9.96 11.95 20.84
CA GLU A 35 -8.76 12.34 20.05
C GLU A 35 -8.94 11.79 18.62
N ARG A 36 -8.43 12.50 17.62
CA ARG A 36 -8.71 12.20 16.20
C ARG A 36 -7.97 10.90 15.82
N PRO A 37 -8.64 9.97 15.11
CA PRO A 37 -8.02 8.70 14.73
C PRO A 37 -6.83 8.83 13.75
N LEU A 38 -5.96 7.82 13.77
CA LEU A 38 -4.94 7.60 12.73
C LEU A 38 -5.49 6.58 11.73
N PHE A 39 -5.44 6.90 10.44
CA PHE A 39 -5.87 6.00 9.34
C PHE A 39 -4.61 5.42 8.68
N LEU A 40 -4.53 4.10 8.60
CA LEU A 40 -3.32 3.37 8.10
C LEU A 40 -3.68 2.68 6.79
N VAL A 41 -2.97 3.01 5.71
CA VAL A 41 -3.23 2.48 4.35
C VAL A 41 -2.33 1.27 4.07
N HIS A 42 -2.97 0.19 3.63
CA HIS A 42 -2.39 -1.14 3.31
C HIS A 42 -1.17 -1.11 2.39
N PRO A 43 -0.28 -2.12 2.49
CA PRO A 43 0.71 -2.40 1.43
C PRO A 43 -0.02 -2.99 0.21
N ILE A 44 0.72 -3.46 -0.79
CA ILE A 44 0.13 -3.89 -2.09
C ILE A 44 -0.81 -5.09 -1.89
N GLU A 45 -0.57 -5.97 -0.91
CA GLU A 45 -1.44 -7.16 -0.70
C GLU A 45 -2.86 -6.70 -0.28
N GLY A 46 -3.02 -5.46 0.19
CA GLY A 46 -4.34 -4.85 0.45
C GLY A 46 -4.89 -5.07 1.84
N SER A 47 -4.25 -5.88 2.69
CA SER A 47 -4.66 -6.22 4.07
C SER A 47 -4.05 -5.25 5.09
N THR A 48 -4.58 -5.23 6.30
CA THR A 48 -4.14 -4.32 7.39
C THR A 48 -3.27 -5.08 8.41
N THR A 49 -3.04 -6.37 8.19
CA THR A 49 -2.27 -7.29 9.08
C THR A 49 -0.95 -6.68 9.55
N VAL A 50 -0.21 -6.04 8.66
CA VAL A 50 1.14 -5.51 8.98
C VAL A 50 1.05 -4.46 10.10
N PHE A 51 -0.13 -3.90 10.34
CA PHE A 51 -0.31 -2.79 11.31
C PHE A 51 -0.79 -3.28 12.68
N HIS A 52 -1.10 -4.56 12.90
CA HIS A 52 -1.75 -5.01 14.16
C HIS A 52 -0.88 -4.67 15.39
N SER A 53 0.43 -4.89 15.35
CA SER A 53 1.36 -4.55 16.48
C SER A 53 1.32 -3.03 16.77
N LEU A 54 1.51 -2.19 15.76
CA LEU A 54 1.45 -0.72 15.93
C LEU A 54 0.11 -0.33 16.58
N ALA A 55 -1.01 -0.78 15.98
CA ALA A 55 -2.37 -0.38 16.38
C ALA A 55 -2.62 -0.73 17.85
N SER A 56 -2.21 -1.91 18.31
CA SER A 56 -2.40 -2.40 19.70
C SER A 56 -1.64 -1.52 20.70
N ARG A 57 -0.64 -0.76 20.22
CA ARG A 57 0.29 0.05 21.08
C ARG A 57 -0.03 1.55 21.01
N LEU A 58 -0.79 2.01 20.02
CA LEU A 58 -1.07 3.45 19.87
C LEU A 58 -2.15 3.82 20.90
N SER A 59 -1.99 4.99 21.51
CA SER A 59 -2.90 5.54 22.55
C SER A 59 -4.01 6.37 21.89
N ILE A 60 -4.07 6.44 20.55
CA ILE A 60 -5.19 7.07 19.80
C ILE A 60 -5.98 6.01 19.04
N PRO A 61 -7.25 6.29 18.71
CA PRO A 61 -8.08 5.37 17.92
C PRO A 61 -7.39 5.15 16.58
N THR A 62 -7.23 3.90 16.16
CA THR A 62 -6.56 3.55 14.89
C THR A 62 -7.54 2.75 14.03
N TYR A 63 -7.66 3.14 12.77
CA TYR A 63 -8.40 2.40 11.71
C TYR A 63 -7.39 1.98 10.64
N GLY A 64 -7.69 0.87 9.95
CA GLY A 64 -6.98 0.46 8.74
C GLY A 64 -7.86 0.59 7.51
N LEU A 65 -7.26 0.87 6.37
CA LEU A 65 -7.92 0.86 5.05
C LEU A 65 -7.42 -0.38 4.31
N GLN A 66 -8.34 -1.27 3.96
CA GLN A 66 -8.06 -2.50 3.19
C GLN A 66 -8.72 -2.36 1.82
N CYS A 67 -8.19 -3.12 0.86
CA CYS A 67 -8.52 -2.99 -0.58
C CYS A 67 -9.49 -4.12 -0.95
N THR A 68 -10.79 -3.82 -1.01
CA THR A 68 -11.86 -4.81 -1.33
C THR A 68 -12.34 -4.64 -2.80
N ARG A 69 -13.34 -5.43 -3.15
CA ARG A 69 -14.04 -5.36 -4.46
C ARG A 69 -14.62 -3.97 -4.71
N ALA A 70 -14.93 -3.22 -3.65
CA ALA A 70 -15.50 -1.85 -3.71
C ALA A 70 -14.48 -0.82 -4.18
N ALA A 71 -13.18 -1.10 -4.08
CA ALA A 71 -12.10 -0.14 -4.38
C ALA A 71 -11.94 0.04 -5.90
N PRO A 72 -11.92 1.29 -6.42
CA PRO A 72 -11.55 1.54 -7.81
C PRO A 72 -10.03 1.57 -8.03
N LEU A 73 -9.50 0.77 -8.95
CA LEU A 73 -8.03 0.64 -9.19
C LEU A 73 -7.67 1.10 -10.61
N ASP A 74 -8.53 1.90 -11.24
CA ASP A 74 -8.23 2.57 -12.53
C ASP A 74 -7.07 3.54 -12.34
N SER A 75 -6.97 4.18 -11.16
CA SER A 75 -5.85 5.10 -10.81
C SER A 75 -5.62 5.19 -9.30
N ILE A 76 -4.41 5.55 -8.88
CA ILE A 76 -4.14 5.94 -7.46
C ILE A 76 -5.09 7.09 -7.08
N HIS A 77 -5.38 8.01 -8.01
CA HIS A 77 -6.29 9.16 -7.76
C HIS A 77 -7.70 8.67 -7.37
N SER A 78 -8.24 7.69 -8.10
CA SER A 78 -9.59 7.14 -7.81
C SER A 78 -9.59 6.43 -6.45
N LEU A 79 -8.60 5.56 -6.24
CA LEU A 79 -8.43 4.82 -4.96
C LEU A 79 -8.45 5.81 -3.78
N ALA A 80 -7.67 6.89 -3.86
CA ALA A 80 -7.47 7.90 -2.78
C ALA A 80 -8.78 8.65 -2.49
N ALA A 81 -9.50 9.05 -3.53
CA ALA A 81 -10.81 9.71 -3.42
C ALA A 81 -11.77 8.78 -2.67
N TYR A 82 -11.77 7.49 -3.00
CA TYR A 82 -12.68 6.51 -2.37
C TYR A 82 -12.30 6.35 -0.87
N TYR A 83 -11.02 6.24 -0.54
CA TYR A 83 -10.56 6.10 0.88
C TYR A 83 -10.94 7.38 1.65
N ILE A 84 -10.89 8.57 1.03
CA ILE A 84 -11.33 9.81 1.75
C ILE A 84 -12.80 9.72 2.11
N ASP A 85 -13.65 9.25 1.18
CA ASP A 85 -15.11 9.09 1.44
C ASP A 85 -15.33 8.11 2.60
N CYS A 86 -14.55 7.03 2.67
CA CYS A 86 -14.71 6.01 3.74
C CYS A 86 -14.35 6.65 5.09
N ILE A 87 -13.28 7.44 5.12
CA ILE A 87 -12.77 8.07 6.37
C ILE A 87 -13.89 8.98 6.93
N ARG A 88 -14.59 9.72 6.08
CA ARG A 88 -15.68 10.69 6.45
C ARG A 88 -16.91 10.00 7.04
N GLN A 89 -17.03 8.67 6.93
CA GLN A 89 -18.10 7.90 7.62
C GLN A 89 -17.78 7.78 9.12
N VAL A 90 -16.55 8.10 9.53
CA VAL A 90 -16.23 8.13 10.98
C VAL A 90 -15.77 9.54 11.37
N GLN A 91 -15.09 10.27 10.47
CA GLN A 91 -14.55 11.61 10.80
C GLN A 91 -14.90 12.55 9.65
N PRO A 92 -16.09 13.19 9.71
CA PRO A 92 -16.59 13.97 8.58
C PRO A 92 -15.67 15.16 8.25
N GLU A 93 -14.96 15.70 9.25
CA GLU A 93 -14.20 16.96 9.18
C GLU A 93 -12.73 16.71 9.53
N GLY A 94 -11.81 17.39 8.84
CA GLY A 94 -10.37 17.43 9.13
C GLY A 94 -10.08 18.23 10.41
N PRO A 95 -8.79 18.38 10.82
CA PRO A 95 -7.65 17.79 10.14
C PRO A 95 -7.57 16.26 10.33
N TYR A 96 -6.78 15.61 9.50
CA TYR A 96 -6.71 14.14 9.34
C TYR A 96 -5.28 13.66 9.56
N ARG A 97 -5.12 12.55 10.27
CA ARG A 97 -3.83 11.84 10.50
C ARG A 97 -3.82 10.61 9.58
N VAL A 98 -2.92 10.55 8.61
CA VAL A 98 -2.86 9.47 7.57
C VAL A 98 -1.44 8.89 7.52
N ALA A 99 -1.35 7.57 7.51
CA ALA A 99 -0.07 6.85 7.28
C ALA A 99 -0.28 5.79 6.19
N GLY A 100 0.78 5.56 5.44
CA GLY A 100 0.81 4.44 4.50
C GLY A 100 2.14 3.75 4.58
N TYR A 101 2.11 2.43 4.38
CA TYR A 101 3.28 1.53 4.37
C TYR A 101 3.50 1.03 2.94
N SER A 102 4.72 1.18 2.44
CA SER A 102 5.16 0.54 1.17
C SER A 102 4.24 1.07 0.06
N TYR A 103 3.58 0.23 -0.73
CA TYR A 103 2.60 0.67 -1.76
C TYR A 103 1.64 1.75 -1.18
N GLY A 104 1.21 1.56 0.07
CA GLY A 104 0.26 2.41 0.77
C GLY A 104 0.77 3.83 1.01
N ALA A 105 2.10 4.01 1.07
CA ALA A 105 2.77 5.32 1.19
C ALA A 105 2.38 6.23 0.01
N CYS A 106 2.48 5.70 -1.21
CA CYS A 106 1.99 6.41 -2.43
C CYS A 106 0.50 6.76 -2.27
N VAL A 107 -0.35 5.80 -1.89
CA VAL A 107 -1.80 6.08 -1.80
C VAL A 107 -2.10 7.16 -0.75
N ALA A 108 -1.52 7.08 0.45
CA ALA A 108 -1.80 8.02 1.57
C ALA A 108 -1.42 9.47 1.15
N PHE A 109 -0.30 9.60 0.45
CA PHE A 109 0.25 10.87 -0.13
C PHE A 109 -0.81 11.54 -1.02
N GLU A 110 -1.44 10.78 -1.93
CA GLU A 110 -2.52 11.29 -2.84
C GLU A 110 -3.75 11.69 -2.02
N MET A 111 -4.04 10.99 -0.93
CA MET A 111 -5.25 11.31 -0.12
C MET A 111 -5.06 12.70 0.50
N CYS A 112 -3.89 12.95 1.05
CA CYS A 112 -3.52 14.22 1.72
C CYS A 112 -3.51 15.37 0.68
N SER A 113 -2.96 15.15 -0.52
CA SER A 113 -2.99 16.10 -1.67
C SER A 113 -4.44 16.49 -1.99
N GLN A 114 -5.33 15.50 -2.11
CA GLN A 114 -6.75 15.76 -2.42
C GLN A 114 -7.37 16.56 -1.29
N LEU A 115 -7.02 16.25 -0.03
CA LEU A 115 -7.58 17.00 1.12
C LEU A 115 -7.05 18.44 1.08
N GLN A 116 -5.79 18.63 0.66
CA GLN A 116 -5.16 19.96 0.54
C GLN A 116 -5.95 20.76 -0.49
N ALA A 117 -6.22 20.16 -1.64
CA ALA A 117 -6.89 20.80 -2.80
C ALA A 117 -8.29 21.25 -2.41
N GLN A 118 -9.05 20.39 -1.72
N GLN A 118 -9.08 20.41 -1.72
CA GLN A 118 -10.47 20.63 -1.29
CA GLN A 118 -10.50 20.73 -1.37
C GLN A 118 -10.57 21.94 -0.49
C GLN A 118 -10.57 22.00 -0.51
N GLN A 119 -9.56 22.24 0.33
CA GLN A 119 -9.51 23.38 1.27
C GLN A 119 -8.66 24.56 0.74
N SER A 120 -8.02 24.43 -0.43
CA SER A 120 -7.07 25.44 -0.97
C SER A 120 -7.75 26.80 -0.96
N PRO A 121 -7.06 27.90 -0.61
CA PRO A 121 -5.68 27.88 -0.18
C PRO A 121 -5.46 27.87 1.33
N ALA A 122 -6.50 27.71 2.14
CA ALA A 122 -6.35 27.54 3.59
C ALA A 122 -5.28 26.47 3.81
N PRO A 123 -4.32 26.66 4.74
CA PRO A 123 -3.36 25.60 5.04
C PRO A 123 -4.12 24.54 5.82
N THR A 124 -3.98 23.25 5.49
CA THR A 124 -4.44 22.15 6.37
C THR A 124 -3.33 21.88 7.39
N HIS A 125 -3.73 21.32 8.52
CA HIS A 125 -2.84 20.80 9.57
C HIS A 125 -3.10 19.29 9.64
N ASN A 126 -3.29 18.66 8.46
CA ASN A 126 -3.31 17.17 8.28
C ASN A 126 -1.90 16.64 8.59
N SER A 127 -1.76 15.42 9.11
CA SER A 127 -0.44 14.77 9.31
C SER A 127 -0.35 13.56 8.41
N LEU A 128 0.77 13.44 7.69
CA LEU A 128 1.09 12.32 6.80
C LEU A 128 2.37 11.66 7.31
N PHE A 129 2.31 10.34 7.56
CA PHE A 129 3.49 9.48 7.84
C PHE A 129 3.64 8.44 6.74
N LEU A 130 4.83 8.31 6.21
CA LEU A 130 5.14 7.30 5.17
C LEU A 130 6.06 6.29 5.81
N PHE A 131 5.58 5.04 5.94
CA PHE A 131 6.39 3.88 6.35
C PHE A 131 7.09 3.27 5.13
N ASP A 132 8.38 3.59 5.03
CA ASP A 132 9.32 3.01 4.05
C ASP A 132 8.69 2.95 2.64
N GLY A 133 8.18 4.08 2.18
CA GLY A 133 7.99 4.31 0.74
C GLY A 133 7.52 5.71 0.47
N SER A 134 7.18 5.94 -0.81
CA SER A 134 6.92 7.27 -1.38
C SER A 134 6.29 7.08 -2.75
N PRO A 135 5.76 8.15 -3.37
CA PRO A 135 5.33 8.10 -4.77
C PRO A 135 6.41 7.46 -5.66
N THR A 136 7.68 7.80 -5.44
CA THR A 136 8.82 7.35 -6.27
C THR A 136 9.25 5.93 -5.90
N TYR A 137 9.23 5.54 -4.62
CA TYR A 137 9.70 4.22 -4.13
C TYR A 137 8.93 3.09 -4.85
N VAL A 138 7.63 3.26 -5.03
CA VAL A 138 6.77 2.27 -5.74
C VAL A 138 7.13 2.31 -7.25
N LEU A 139 7.18 3.50 -7.87
CA LEU A 139 7.60 3.69 -9.28
C LEU A 139 8.91 2.94 -9.56
N ALA A 140 9.95 3.15 -8.73
CA ALA A 140 11.28 2.51 -8.88
C ALA A 140 11.10 1.00 -9.03
N TYR A 141 10.29 0.38 -8.17
CA TYR A 141 10.01 -1.08 -8.18
C TYR A 141 9.38 -1.50 -9.52
N THR A 142 8.29 -0.85 -9.96
CA THR A 142 7.52 -1.22 -11.18
C THR A 142 8.41 -1.04 -12.41
N GLN A 143 9.28 -0.02 -12.39
CA GLN A 143 10.17 0.31 -13.55
C GLN A 143 11.27 -0.75 -13.64
N SER A 144 11.80 -1.23 -12.51
CA SER A 144 12.77 -2.35 -12.43
C SER A 144 12.21 -3.57 -13.16
N TYR A 145 11.07 -4.08 -12.69
CA TYR A 145 10.45 -5.33 -13.20
C TYR A 145 10.14 -5.16 -14.70
N ARG A 146 9.62 -4.00 -15.11
CA ARG A 146 9.23 -3.69 -16.53
C ARG A 146 10.46 -3.68 -17.46
N ALA A 147 11.59 -3.11 -16.99
CA ALA A 147 12.82 -2.86 -17.78
C ALA A 147 13.64 -4.16 -18.00
N LYS A 148 13.15 -5.31 -17.55
CA LYS A 148 13.74 -6.64 -17.86
C LYS A 148 12.82 -7.41 -18.83
N LEU A 149 11.76 -6.76 -19.32
CA LEU A 149 10.74 -7.36 -20.24
C LEU A 149 10.88 -6.70 -21.62
N THR A 150 10.26 -7.34 -22.63
CA THR A 150 9.99 -6.81 -23.99
C THR A 150 9.06 -5.59 -23.91
N PRO A 151 9.52 -4.37 -24.24
CA PRO A 151 8.63 -3.19 -24.25
C PRO A 151 7.44 -3.37 -25.19
N GLY A 152 6.28 -2.82 -24.80
CA GLY A 152 5.02 -2.86 -25.56
C GLY A 152 4.36 -4.24 -25.57
N CYS A 153 4.84 -5.18 -24.75
CA CYS A 153 4.34 -6.59 -24.68
C CYS A 153 3.57 -6.81 -23.38
N GLU A 154 2.32 -6.31 -23.32
CA GLU A 154 1.45 -6.33 -22.12
C GLU A 154 1.31 -7.77 -21.59
N ALA A 155 1.29 -8.79 -22.46
CA ALA A 155 1.17 -10.22 -22.05
C ALA A 155 2.33 -10.57 -21.12
N GLU A 156 3.50 -9.98 -21.38
CA GLU A 156 4.71 -10.27 -20.60
C GLU A 156 4.61 -9.55 -19.25
N ALA A 157 4.10 -8.32 -19.20
CA ALA A 157 3.84 -7.57 -17.95
C ALA A 157 2.82 -8.35 -17.08
N GLU A 158 1.68 -8.75 -17.64
CA GLU A 158 0.67 -9.59 -16.96
C GLU A 158 1.33 -10.83 -16.38
N THR A 159 2.11 -11.53 -17.19
CA THR A 159 2.80 -12.77 -16.77
C THR A 159 3.72 -12.47 -15.59
N GLU A 160 4.45 -11.36 -15.66
CA GLU A 160 5.48 -11.02 -14.64
C GLU A 160 4.79 -10.78 -13.29
N ALA A 161 3.76 -9.93 -13.29
CA ALA A 161 2.91 -9.61 -12.11
C ALA A 161 2.35 -10.90 -11.52
N ILE A 162 1.76 -11.76 -12.33
CA ILE A 162 0.98 -12.91 -11.79
C ILE A 162 1.99 -13.94 -11.25
N CYS A 163 3.14 -14.08 -11.91
CA CYS A 163 4.27 -14.91 -11.46
C CYS A 163 4.73 -14.50 -10.06
N PHE A 164 4.96 -13.21 -9.85
CA PHE A 164 5.36 -12.64 -8.53
C PHE A 164 4.30 -12.99 -7.47
N PHE A 165 3.02 -12.82 -7.82
CA PHE A 165 1.89 -13.16 -6.92
C PHE A 165 1.97 -14.64 -6.55
N VAL A 166 2.12 -15.53 -7.53
CA VAL A 166 2.14 -17.01 -7.29
C VAL A 166 3.33 -17.33 -6.36
N GLN A 167 4.45 -16.62 -6.51
CA GLN A 167 5.69 -16.90 -5.76
C GLN A 167 5.53 -16.48 -4.29
N GLN A 168 4.55 -15.65 -3.94
N GLN A 168 4.57 -15.60 -3.96
CA GLN A 168 4.30 -15.28 -2.51
CA GLN A 168 4.20 -15.25 -2.56
C GLN A 168 3.45 -16.37 -1.84
C GLN A 168 3.63 -16.49 -1.84
N PHE A 169 2.91 -17.35 -2.58
CA PHE A 169 2.05 -18.43 -2.02
C PHE A 169 2.70 -19.82 -2.11
N THR A 170 3.63 -20.02 -3.02
CA THR A 170 4.26 -21.34 -3.30
C THR A 170 5.78 -21.13 -3.35
N ASP A 171 6.55 -22.22 -3.39
CA ASP A 171 8.03 -22.15 -3.54
C ASP A 171 8.42 -22.55 -4.97
N MET A 172 7.52 -22.43 -5.94
CA MET A 172 7.83 -22.79 -7.35
C MET A 172 8.90 -21.83 -7.87
N GLU A 173 9.87 -22.34 -8.63
CA GLU A 173 10.97 -21.54 -9.25
C GLU A 173 10.31 -20.56 -10.24
N HIS A 174 10.94 -19.41 -10.47
CA HIS A 174 10.43 -18.29 -11.31
C HIS A 174 10.07 -18.83 -12.69
N ASN A 175 11.00 -19.52 -13.33
CA ASN A 175 10.98 -19.83 -14.79
C ASN A 175 9.85 -20.82 -15.13
N ARG A 176 9.58 -21.78 -14.23
CA ARG A 176 8.52 -22.80 -14.42
C ARG A 176 7.13 -22.14 -14.28
N VAL A 177 6.99 -21.11 -13.46
CA VAL A 177 5.68 -20.38 -13.37
C VAL A 177 5.58 -19.48 -14.61
N LEU A 178 6.67 -18.80 -14.96
CA LEU A 178 6.71 -17.96 -16.19
C LEU A 178 6.30 -18.77 -17.43
N GLU A 179 6.80 -19.99 -17.59
CA GLU A 179 6.55 -20.86 -18.77
C GLU A 179 5.06 -21.20 -18.89
N ALA A 180 4.39 -21.40 -17.76
CA ALA A 180 2.99 -21.88 -17.66
C ALA A 180 2.03 -20.75 -18.00
N LEU A 181 2.40 -19.50 -17.69
CA LEU A 181 1.50 -18.31 -17.81
C LEU A 181 1.77 -17.56 -19.12
N LEU A 182 3.01 -17.56 -19.61
CA LEU A 182 3.42 -16.73 -20.77
C LEU A 182 2.55 -17.01 -21.99
N PRO A 183 2.27 -18.26 -22.40
CA PRO A 183 1.56 -18.50 -23.66
C PRO A 183 0.02 -18.35 -23.57
N LEU A 184 -0.53 -18.04 -22.40
CA LEU A 184 -2.01 -17.99 -22.24
C LEU A 184 -2.61 -16.75 -22.91
N LYS A 185 -3.92 -16.83 -23.19
CA LYS A 185 -4.64 -15.90 -24.10
C LYS A 185 -4.77 -14.50 -23.51
N GLY A 186 -5.01 -14.35 -22.20
CA GLY A 186 -5.27 -13.05 -21.56
C GLY A 186 -5.14 -13.09 -20.03
N LEU A 187 -5.46 -12.00 -19.34
CA LEU A 187 -5.26 -11.92 -17.88
C LEU A 187 -6.10 -12.99 -17.18
N GLU A 188 -7.38 -13.13 -17.54
CA GLU A 188 -8.31 -14.01 -16.79
C GLU A 188 -7.80 -15.46 -16.84
N GLU A 189 -7.16 -15.90 -17.95
N GLU A 189 -7.22 -15.84 -17.98
CA GLU A 189 -6.58 -17.26 -18.03
CA GLU A 189 -6.67 -17.17 -18.25
C GLU A 189 -5.35 -17.33 -17.12
C GLU A 189 -5.43 -17.33 -17.34
N ARG A 190 -4.53 -16.28 -17.10
N ARG A 190 -4.65 -16.27 -17.16
CA ARG A 190 -3.31 -16.24 -16.25
CA ARG A 190 -3.41 -16.29 -16.32
C ARG A 190 -3.78 -16.33 -14.79
C ARG A 190 -3.83 -16.37 -14.85
N VAL A 191 -4.82 -15.57 -14.43
CA VAL A 191 -5.44 -15.59 -13.07
C VAL A 191 -5.91 -17.02 -12.75
N ALA A 192 -6.64 -17.68 -13.65
CA ALA A 192 -7.24 -19.03 -13.42
C ALA A 192 -6.13 -20.06 -13.26
N ALA A 193 -5.10 -19.98 -14.09
CA ALA A 193 -3.93 -20.89 -13.99
C ALA A 193 -3.21 -20.68 -12.64
N ALA A 194 -3.08 -19.43 -12.20
CA ALA A 194 -2.35 -19.05 -10.97
C ALA A 194 -3.11 -19.59 -9.73
N VAL A 195 -4.43 -19.46 -9.69
CA VAL A 195 -5.28 -19.91 -8.55
C VAL A 195 -5.18 -21.44 -8.43
N ASP A 196 -5.17 -22.16 -9.57
CA ASP A 196 -5.07 -23.63 -9.60
C ASP A 196 -3.68 -24.05 -9.05
N LEU A 197 -2.63 -23.32 -9.36
CA LEU A 197 -1.27 -23.66 -8.84
C LEU A 197 -1.24 -23.44 -7.32
N ILE A 198 -1.87 -22.39 -6.84
CA ILE A 198 -1.81 -22.03 -5.40
C ILE A 198 -2.68 -23.01 -4.62
N ILE A 199 -3.87 -23.30 -5.13
CA ILE A 199 -4.81 -24.29 -4.57
C ILE A 199 -4.11 -25.65 -4.44
N LYS A 200 -3.30 -26.06 -5.42
CA LYS A 200 -2.53 -27.31 -5.35
C LYS A 200 -1.65 -27.28 -4.09
N SER A 201 -0.90 -26.20 -3.85
CA SER A 201 0.02 -26.08 -2.68
C SER A 201 -0.79 -25.87 -1.39
N HIS A 202 -2.01 -25.31 -1.48
CA HIS A 202 -2.81 -24.92 -0.29
C HIS A 202 -4.30 -25.12 -0.55
N GLN A 203 -4.77 -26.36 -0.38
CA GLN A 203 -6.06 -26.88 -0.89
C GLN A 203 -7.27 -26.24 -0.22
N GLY A 204 -7.13 -25.68 0.99
CA GLY A 204 -8.22 -25.11 1.79
C GLY A 204 -8.40 -23.61 1.60
N LEU A 205 -7.55 -22.93 0.81
CA LEU A 205 -7.70 -21.46 0.56
C LEU A 205 -8.91 -21.25 -0.35
N ASP A 206 -9.53 -20.07 -0.31
CA ASP A 206 -10.81 -19.78 -1.02
C ASP A 206 -10.47 -19.32 -2.46
N ARG A 207 -11.10 -19.93 -3.47
CA ARG A 207 -10.82 -19.68 -4.90
C ARG A 207 -11.18 -18.23 -5.26
N GLN A 208 -12.30 -17.72 -4.78
CA GLN A 208 -12.73 -16.33 -5.10
C GLN A 208 -11.79 -15.31 -4.44
N GLU A 209 -11.41 -15.51 -3.17
CA GLU A 209 -10.39 -14.65 -2.49
C GLU A 209 -9.13 -14.59 -3.37
N LEU A 210 -8.59 -15.71 -3.78
CA LEU A 210 -7.32 -15.77 -4.57
C LEU A 210 -7.52 -15.10 -5.93
N SER A 211 -8.65 -15.37 -6.60
CA SER A 211 -8.97 -14.81 -7.94
C SER A 211 -8.96 -13.30 -7.86
N PHE A 212 -9.62 -12.76 -6.85
CA PHE A 212 -9.72 -11.30 -6.67
C PHE A 212 -8.31 -10.79 -6.38
N ALA A 213 -7.55 -11.49 -5.53
CA ALA A 213 -6.20 -11.05 -5.13
C ALA A 213 -5.26 -11.03 -6.33
N ALA A 214 -5.20 -12.10 -7.14
CA ALA A 214 -4.34 -12.19 -8.36
C ALA A 214 -4.68 -11.08 -9.36
N ARG A 215 -5.96 -10.89 -9.69
CA ARG A 215 -6.40 -9.88 -10.68
C ARG A 215 -6.07 -8.47 -10.17
N SER A 216 -6.38 -8.19 -8.91
CA SER A 216 -6.20 -6.84 -8.35
C SER A 216 -4.70 -6.53 -8.22
N PHE A 217 -3.87 -7.56 -8.03
CA PHE A 217 -2.40 -7.36 -7.91
C PHE A 217 -1.89 -6.68 -9.19
N TYR A 218 -2.39 -7.13 -10.36
CA TYR A 218 -1.99 -6.60 -11.69
C TYR A 218 -2.45 -5.16 -11.82
N TYR A 219 -3.69 -4.87 -11.43
CA TYR A 219 -4.33 -3.54 -11.57
C TYR A 219 -3.65 -2.57 -10.60
N LYS A 220 -3.34 -3.01 -9.39
CA LYS A 220 -2.64 -2.17 -8.38
C LYS A 220 -1.29 -1.73 -8.96
N LEU A 221 -0.51 -2.65 -9.51
CA LEU A 221 0.81 -2.31 -10.09
C LEU A 221 0.62 -1.27 -11.20
N ARG A 222 -0.33 -1.49 -12.11
CA ARG A 222 -0.62 -0.58 -13.25
C ARG A 222 -0.93 0.83 -12.75
N ALA A 223 -1.76 0.97 -11.70
CA ALA A 223 -2.17 2.29 -11.18
C ALA A 223 -0.92 3.00 -10.64
N ALA A 224 -0.01 2.24 -10.02
CA ALA A 224 1.16 2.81 -9.31
C ALA A 224 2.14 3.38 -10.34
N GLU A 225 2.50 2.59 -11.36
CA GLU A 225 3.32 3.07 -12.52
C GLU A 225 2.78 4.42 -13.02
N GLN A 226 1.48 4.48 -13.29
CA GLN A 226 0.85 5.57 -14.06
C GLN A 226 0.68 6.82 -13.18
N TYR A 227 1.02 6.76 -11.88
CA TYR A 227 0.74 7.83 -10.88
C TYR A 227 1.82 8.91 -10.97
N THR A 228 1.39 10.17 -11.01
CA THR A 228 2.24 11.36 -10.77
C THR A 228 1.36 12.44 -10.15
N PRO A 229 1.74 13.01 -8.98
CA PRO A 229 0.91 14.00 -8.31
C PRO A 229 0.67 15.18 -9.27
N LYS A 230 -0.50 15.80 -9.19
CA LYS A 230 -0.78 16.93 -10.11
C LYS A 230 0.23 18.03 -9.84
N ALA A 231 0.23 18.53 -8.60
CA ALA A 231 1.20 19.53 -8.11
C ALA A 231 1.89 18.96 -6.85
N LYS A 232 2.67 19.77 -6.15
CA LYS A 232 3.43 19.33 -4.96
C LYS A 232 2.56 19.45 -3.71
N TYR A 233 2.85 18.60 -2.73
CA TYR A 233 2.17 18.57 -1.42
C TYR A 233 2.77 19.72 -0.59
N HIS A 234 1.94 20.66 -0.10
CA HIS A 234 2.36 21.86 0.68
C HIS A 234 2.45 21.54 2.17
N GLY A 235 1.76 20.50 2.62
CA GLY A 235 1.82 20.03 4.01
C GLY A 235 3.20 19.49 4.34
N ASN A 236 3.46 19.30 5.64
N ASN A 236 3.41 19.27 5.63
CA ASN A 236 4.72 18.70 6.16
CA ASN A 236 4.65 18.67 6.19
C ASN A 236 4.52 17.18 6.26
C ASN A 236 4.48 17.15 6.21
N VAL A 237 5.50 16.43 5.74
CA VAL A 237 5.50 14.95 5.63
C VAL A 237 6.58 14.39 6.56
N MET A 238 6.39 13.17 7.07
CA MET A 238 7.45 12.42 7.79
C MET A 238 7.69 11.08 7.10
N LEU A 239 8.93 10.79 6.73
CA LEU A 239 9.36 9.49 6.17
C LEU A 239 10.09 8.70 7.27
N LEU A 240 9.65 7.45 7.44
CA LEU A 240 10.20 6.43 8.36
C LEU A 240 10.72 5.29 7.49
N ARG A 241 12.01 5.36 7.15
CA ARG A 241 12.61 4.42 6.19
C ARG A 241 13.51 3.47 6.95
N ALA A 242 13.60 2.25 6.44
CA ALA A 242 14.37 1.12 7.00
C ALA A 242 15.85 1.49 7.02
N LYS A 243 16.51 1.22 8.15
CA LYS A 243 17.99 1.32 8.30
C LYS A 243 18.62 0.50 7.17
N THR A 244 18.10 -0.71 6.94
CA THR A 244 18.61 -1.70 5.95
C THR A 244 17.66 -1.73 4.73
N GLY A 245 18.03 -1.04 3.65
CA GLY A 245 17.31 -1.03 2.36
C GLY A 245 17.67 -2.24 1.52
N ASP A 251 20.33 2.73 -5.45
CA ASP A 251 19.95 3.73 -4.41
C ASP A 251 19.00 4.77 -5.01
N LEU A 252 18.06 5.25 -4.19
CA LEU A 252 16.90 6.10 -4.59
C LEU A 252 16.96 7.48 -3.91
N GLY A 253 17.77 7.66 -2.87
CA GLY A 253 17.93 8.96 -2.17
C GLY A 253 17.51 8.89 -0.71
N ALA A 254 17.85 9.90 0.09
CA ALA A 254 17.66 9.95 1.55
C ALA A 254 16.19 10.17 1.89
N ASP A 255 15.48 11.00 1.12
CA ASP A 255 14.06 11.36 1.37
C ASP A 255 13.15 10.57 0.42
N TYR A 256 13.63 9.49 -0.18
CA TYR A 256 12.97 8.72 -1.28
C TYR A 256 12.28 9.67 -2.27
N ASN A 257 12.92 10.79 -2.60
CA ASN A 257 12.56 11.72 -3.70
C ASN A 257 11.35 12.57 -3.32
N LEU A 258 11.06 12.71 -2.02
CA LEU A 258 9.86 13.46 -1.56
C LEU A 258 10.03 14.96 -1.85
N SER A 259 11.27 15.46 -1.84
CA SER A 259 11.63 16.89 -2.13
C SER A 259 11.06 17.30 -3.50
N GLN A 260 11.00 16.35 -4.44
CA GLN A 260 10.47 16.58 -5.82
C GLN A 260 8.94 16.72 -5.82
N VAL A 261 8.24 16.25 -4.77
CA VAL A 261 6.75 16.19 -4.78
C VAL A 261 6.14 16.94 -3.57
N CYS A 262 6.99 17.45 -2.68
N CYS A 262 6.98 17.49 -2.68
CA CYS A 262 6.58 18.28 -1.52
CA CYS A 262 6.55 18.22 -1.45
C CYS A 262 7.33 19.61 -1.59
C CYS A 262 7.36 19.53 -1.32
N ASP A 263 6.67 20.68 -1.15
CA ASP A 263 7.29 22.02 -1.02
C ASP A 263 7.09 22.50 0.43
N GLY A 264 6.89 21.54 1.35
CA GLY A 264 6.79 21.75 2.80
C GLY A 264 7.95 21.13 3.53
N LYS A 265 7.83 20.93 4.84
CA LYS A 265 8.91 20.35 5.68
C LYS A 265 8.86 18.82 5.52
N VAL A 266 9.91 18.24 4.92
CA VAL A 266 10.09 16.77 4.77
C VAL A 266 11.09 16.28 5.82
N SER A 267 10.60 15.59 6.86
CA SER A 267 11.42 15.02 7.97
C SER A 267 11.69 13.53 7.73
N VAL A 268 12.95 13.13 7.78
CA VAL A 268 13.39 11.73 7.57
C VAL A 268 13.89 11.20 8.90
N HIS A 269 13.37 10.04 9.31
CA HIS A 269 13.88 9.26 10.47
C HIS A 269 14.32 7.90 9.93
N VAL A 270 15.55 7.49 10.21
CA VAL A 270 16.01 6.11 9.91
C VAL A 270 15.65 5.23 11.10
N ILE A 271 15.10 4.06 10.81
CA ILE A 271 14.41 3.14 11.76
C ILE A 271 15.06 1.76 11.61
N GLU A 272 15.47 1.17 12.72
CA GLU A 272 16.05 -0.20 12.79
C GLU A 272 15.18 -1.17 11.97
N GLY A 273 15.82 -2.11 11.29
CA GLY A 273 15.21 -3.26 10.59
C GLY A 273 15.26 -3.06 9.09
N ASP A 274 14.51 -3.88 8.34
CA ASP A 274 14.35 -3.78 6.87
C ASP A 274 12.89 -3.46 6.50
N HIS A 275 12.60 -3.50 5.21
CA HIS A 275 11.28 -3.12 4.61
C HIS A 275 10.14 -3.88 5.31
N ARG A 276 10.39 -5.15 5.63
CA ARG A 276 9.41 -6.12 6.17
C ARG A 276 9.37 -6.08 7.70
N THR A 277 10.43 -5.68 8.39
CA THR A 277 10.56 -5.85 9.87
C THR A 277 10.47 -4.52 10.61
N LEU A 278 10.39 -3.38 9.91
CA LEU A 278 10.53 -2.08 10.64
C LEU A 278 9.25 -1.74 11.44
N LEU A 279 8.11 -2.38 11.13
CA LEU A 279 6.84 -2.23 11.89
C LEU A 279 6.73 -3.28 13.01
N GLU A 280 7.86 -3.89 13.39
CA GLU A 280 7.95 -4.91 14.47
C GLU A 280 9.21 -4.64 15.29
N GLY A 281 9.30 -5.28 16.46
CA GLY A 281 10.48 -5.29 17.34
C GLY A 281 10.99 -3.90 17.65
N SER A 282 12.28 -3.68 17.40
CA SER A 282 13.04 -2.51 17.86
C SER A 282 12.60 -1.29 17.05
N GLY A 283 12.49 -1.45 15.73
CA GLY A 283 11.91 -0.46 14.80
C GLY A 283 10.56 0.02 15.28
N LEU A 284 9.68 -0.91 15.66
CA LEU A 284 8.31 -0.61 16.14
C LEU A 284 8.38 0.33 17.36
N GLU A 285 9.28 0.08 18.31
CA GLU A 285 9.41 0.97 19.51
C GLU A 285 9.66 2.42 19.06
N SER A 286 10.58 2.63 18.13
CA SER A 286 10.98 3.98 17.65
C SER A 286 9.79 4.66 16.98
N ILE A 287 9.11 3.93 16.09
CA ILE A 287 7.93 4.44 15.34
C ILE A 287 6.82 4.86 16.32
N ILE A 288 6.54 4.04 17.32
CA ILE A 288 5.50 4.37 18.35
C ILE A 288 5.88 5.65 19.06
N SER A 289 7.14 5.81 19.47
CA SER A 289 7.59 7.03 20.19
C SER A 289 7.49 8.23 19.25
N ILE A 290 7.90 8.07 17.99
CA ILE A 290 7.84 9.16 16.97
C ILE A 290 6.38 9.59 16.77
N ILE A 291 5.49 8.64 16.49
CA ILE A 291 4.06 8.97 16.28
C ILE A 291 3.51 9.67 17.53
N HIS A 292 3.65 9.06 18.72
CA HIS A 292 3.08 9.56 20.01
C HIS A 292 3.56 11.00 20.31
N SER A 293 4.83 11.35 20.06
CA SER A 293 5.33 12.73 20.27
C SER A 293 4.83 13.63 19.12
N SER A 294 4.83 13.09 17.89
CA SER A 294 4.59 13.83 16.63
C SER A 294 3.13 14.29 16.52
N LEU A 295 2.20 13.72 17.28
CA LEU A 295 0.76 14.10 17.20
C LEU A 295 0.58 15.53 17.70
N ALA A 296 1.52 16.02 18.52
CA ALA A 296 1.61 17.40 19.04
C ALA A 296 1.02 18.40 18.03
C10 ZEP B . 6.13 -5.53 -11.86
C11 ZEP B . 6.09 -4.84 -13.20
C12 ZEP B . 4.64 -4.65 -13.63
C13 ZEP B . 3.98 -5.73 -14.18
C15 ZEP B . 2.66 -5.60 -14.58
C16 ZEP B . 2.02 -4.38 -14.45
C17 ZEP B . 2.70 -3.29 -13.91
O01 ZEP B . 4.54 -3.69 -3.19
S02 ZEP B . 5.53 -2.98 -3.96
C03 ZEP B . 5.77 -3.75 -5.61
C04 ZEP B . 5.75 -5.14 -5.74
C05 ZEP B . 5.93 -5.73 -6.99
C06 ZEP B . 6.16 -4.94 -8.11
C07 ZEP B . 6.24 -5.59 -9.51
C08 ZEP B . 6.22 -6.98 -9.89
S09 ZEP B . 6.16 -7.14 -11.51
F14 ZEP B . 4.65 -6.91 -14.27
C18 ZEP B . 4.00 -3.42 -13.48
N19 ZEP B . 6.15 -4.74 -10.70
C20 ZEP B . 6.15 -3.55 -8.00
C21 ZEP B . 5.97 -2.96 -6.76
N22 ZEP B . 7.06 -2.88 -3.22
C23 ZEP B . 7.72 -4.10 -2.80
C24 ZEP B . 7.22 -4.57 -1.44
C25 ZEP B . 7.81 -1.64 -3.39
C26 ZEP B . 7.15 -0.45 -2.66
O27 ZEP B . 4.86 -1.68 -4.08
#